data_8F6T
#
_entry.id   8F6T
#
_cell.length_a   1.00
_cell.length_b   1.00
_cell.length_c   1.00
_cell.angle_alpha   90.00
_cell.angle_beta   90.00
_cell.angle_gamma   90.00
#
_symmetry.space_group_name_H-M   'P 1'
#
loop_
_entity.id
_entity.type
_entity.pdbx_description
1 polymer 'Alkane 1-monooxygenase'
2 non-polymer 'FE (III) ION'
3 non-polymer DODECANE
#
_entity_poly.entity_id   1
_entity_poly.type   'polypeptide(L)'
_entity_poly.pdbx_seq_one_letter_code
;SNAMSTPTLDAGTLAWNDGKRYLWLLSPFIPVLGLIGLGLFLYTDIGLFTWSGPLLIYGLIPLLDWLVGEDRNNPPEAAV
AQLENDRYYRAIVYAYLPTQYAVTVLGTWVAVTADLAIWEYIGLVLSVGAVNGIGINTAHELGHKRENLDRWLAKLTLAP
VAYGHFFVEHNRGHHKNVATPEDPASSKMGESFWAFLPRTVIGSLRSAWAIEKARLQRNKQSVWSLDNENLQAWAMTIVL
FGALTACLGWPALLFLVLQAAYGASLLEVINYIEHYGLLRQKLPDGRYERCQPRHSWNSNHIVTNLFLYQLQRHSDHHAN
PTRRFQALRHFDDSPQLPSGYASMLIPAYVPWLWFRLMDPLVARHYGGDLTKANLYPPKRAALLARWHRPRPDARRADTQ
PTDATATPADAAASPGGRYQCTDCGYIYDEAIGCPREGFPPGTPWSQIPDDWSCPDCAVRDKVDFRKLPAA
;
_entity_poly.pdbx_strand_id   A
#
# COMPACT_ATOMS: atom_id res chain seq x y z
N TRP A 16 -25.24 14.48 11.45
CA TRP A 16 -24.55 13.29 11.92
C TRP A 16 -23.10 13.61 12.27
N ASN A 17 -22.82 13.67 13.56
CA ASN A 17 -21.45 13.94 14.01
C ASN A 17 -20.57 12.74 13.72
N ASP A 18 -19.38 12.99 13.16
CA ASP A 18 -18.50 11.90 12.79
C ASP A 18 -18.02 11.13 14.02
N GLY A 19 -17.71 11.84 15.10
CA GLY A 19 -17.26 11.19 16.31
C GLY A 19 -15.76 11.03 16.36
N LYS A 20 -15.23 10.15 15.52
CA LYS A 20 -13.78 9.96 15.44
C LYS A 20 -13.15 10.99 14.50
N ARG A 21 -13.45 12.26 14.70
CA ARG A 21 -12.96 13.30 13.80
C ARG A 21 -11.53 13.69 14.15
N TYR A 22 -11.32 14.18 15.37
CA TYR A 22 -10.00 14.59 15.80
C TYR A 22 -9.11 13.43 16.18
N LEU A 23 -9.66 12.23 16.36
CA LEU A 23 -8.84 11.07 16.70
C LEU A 23 -8.03 10.56 15.51
N TRP A 24 -8.29 11.07 14.30
CA TRP A 24 -7.43 10.74 13.18
C TRP A 24 -6.04 11.34 13.30
N LEU A 25 -5.84 12.26 14.25
CA LEU A 25 -4.56 12.93 14.37
C LEU A 25 -3.44 12.01 14.85
N LEU A 26 -3.76 10.80 15.29
CA LEU A 26 -2.71 9.87 15.66
C LEU A 26 -1.90 9.44 14.45
N SER A 27 -2.52 9.42 13.26
CA SER A 27 -1.80 9.00 12.07
C SER A 27 -0.64 9.93 11.71
N PRO A 28 -0.79 11.26 11.69
CA PRO A 28 0.38 12.12 11.48
C PRO A 28 1.26 12.28 12.70
N PHE A 29 0.93 11.63 13.81
CA PHE A 29 1.64 11.80 15.06
C PHE A 29 2.80 10.83 15.22
N ILE A 30 2.86 9.78 14.41
CA ILE A 30 3.96 8.80 14.53
C ILE A 30 5.32 9.43 14.26
N PRO A 31 5.52 10.20 13.18
CA PRO A 31 6.83 10.87 13.04
C PRO A 31 7.15 11.80 14.19
N VAL A 32 6.14 12.43 14.79
CA VAL A 32 6.38 13.24 15.97
C VAL A 32 6.86 12.37 17.13
N LEU A 33 6.32 11.16 17.24
CA LEU A 33 6.80 10.24 18.27
C LEU A 33 8.26 9.87 18.04
N GLY A 34 8.62 9.60 16.77
CA GLY A 34 10.02 9.33 16.48
C GLY A 34 10.92 10.50 16.79
N LEU A 35 10.47 11.71 16.47
CA LEU A 35 11.25 12.91 16.77
C LEU A 35 11.44 13.09 18.26
N ILE A 36 10.38 12.84 19.05
CA ILE A 36 10.48 12.93 20.49
C ILE A 36 11.47 11.89 21.03
N GLY A 37 11.41 10.68 20.48
CA GLY A 37 12.37 9.66 20.90
C GLY A 37 13.81 10.06 20.63
N LEU A 38 14.06 10.60 19.43
CA LEU A 38 15.40 11.06 19.11
C LEU A 38 15.85 12.20 20.01
N GLY A 39 14.95 13.15 20.29
CA GLY A 39 15.30 14.23 21.18
C GLY A 39 15.62 13.75 22.58
N LEU A 40 14.82 12.80 23.10
CA LEU A 40 15.08 12.26 24.41
C LEU A 40 16.42 11.54 24.46
N PHE A 41 16.74 10.78 23.40
CA PHE A 41 18.04 10.12 23.36
C PHE A 41 19.17 11.13 23.35
N LEU A 42 19.00 12.22 22.58
CA LEU A 42 20.06 13.22 22.50
C LEU A 42 20.21 13.99 23.81
N TYR A 43 19.13 14.10 24.59
CA TYR A 43 19.19 14.88 25.82
C TYR A 43 19.64 14.04 27.02
N THR A 44 18.89 12.99 27.34
CA THR A 44 19.20 12.19 28.53
C THR A 44 20.30 11.19 28.30
N ASP A 45 20.63 10.90 27.04
CA ASP A 45 21.68 9.93 26.70
C ASP A 45 21.38 8.56 27.29
N ILE A 46 20.20 8.03 26.96
CA ILE A 46 19.79 6.70 27.36
C ILE A 46 19.55 5.86 26.11
N GLY A 47 20.16 4.68 26.05
CA GLY A 47 20.13 3.90 24.82
C GLY A 47 18.74 3.46 24.41
N LEU A 48 17.91 3.07 25.39
CA LEU A 48 16.61 2.49 25.08
C LEU A 48 15.74 3.44 24.26
N PHE A 49 15.94 4.74 24.42
CA PHE A 49 15.13 5.71 23.69
C PHE A 49 15.34 5.63 22.19
N THR A 50 16.44 5.01 21.75
CA THR A 50 16.61 4.77 20.31
C THR A 50 15.56 3.80 19.79
N TRP A 51 15.22 2.78 20.58
CA TRP A 51 14.24 1.80 20.14
C TRP A 51 12.83 2.31 20.38
N SER A 52 12.53 3.52 19.91
CA SER A 52 11.20 4.08 20.09
C SER A 52 10.24 3.67 18.98
N GLY A 53 10.74 3.11 17.89
CA GLY A 53 9.91 2.66 16.80
C GLY A 53 9.53 1.20 16.88
N PRO A 54 10.53 0.32 17.00
CA PRO A 54 10.20 -1.11 17.16
C PRO A 54 9.33 -1.39 18.35
N LEU A 55 9.61 -0.77 19.49
CA LEU A 55 8.78 -0.97 20.67
C LEU A 55 7.36 -0.48 20.41
N LEU A 56 7.23 0.71 19.83
CA LEU A 56 5.92 1.29 19.60
C LEU A 56 5.07 0.42 18.67
N ILE A 57 5.68 -0.11 17.61
CA ILE A 57 4.90 -0.86 16.64
C ILE A 57 4.91 -2.36 16.87
N TYR A 58 5.57 -2.84 17.93
CA TYR A 58 5.56 -4.26 18.22
C TYR A 58 4.96 -4.62 19.58
N GLY A 59 5.01 -3.73 20.56
CA GLY A 59 4.46 -4.07 21.87
C GLY A 59 3.36 -3.15 22.35
N LEU A 60 3.39 -1.89 21.95
CA LEU A 60 2.40 -0.95 22.44
C LEU A 60 1.11 -1.02 21.62
N ILE A 61 1.21 -0.90 20.30
CA ILE A 61 0.04 -0.98 19.45
C ILE A 61 -0.70 -2.30 19.60
N PRO A 62 -0.02 -3.47 19.57
CA PRO A 62 -0.77 -4.71 19.83
C PRO A 62 -0.91 -4.97 21.33
N LEU A 63 -1.19 -3.93 22.05
CA LEU A 63 -1.72 -3.96 23.42
C LEU A 63 -2.94 -3.07 23.54
N LEU A 64 -2.91 -1.88 22.92
CA LEU A 64 -4.13 -1.11 22.78
C LEU A 64 -5.13 -1.83 21.89
N ASP A 65 -4.63 -2.56 20.89
CA ASP A 65 -5.53 -3.36 20.05
C ASP A 65 -6.22 -4.44 20.87
N TRP A 66 -5.53 -5.01 21.86
CA TRP A 66 -6.19 -5.99 22.72
C TRP A 66 -7.14 -5.33 23.70
N LEU A 67 -6.77 -4.17 24.22
CA LEU A 67 -7.65 -3.48 25.17
C LEU A 67 -8.95 -3.01 24.52
N VAL A 68 -8.87 -2.49 23.30
CA VAL A 68 -10.03 -1.95 22.60
C VAL A 68 -10.38 -2.89 21.45
N GLY A 69 -11.65 -3.28 21.37
CA GLY A 69 -12.08 -4.32 20.45
C GLY A 69 -12.51 -3.81 19.10
N GLU A 70 -13.46 -4.53 18.50
CA GLU A 70 -13.93 -4.26 17.15
C GLU A 70 -14.81 -3.03 17.10
N ASP A 71 -15.13 -2.60 15.88
CA ASP A 71 -16.13 -1.55 15.66
C ASP A 71 -16.68 -1.72 14.25
N ARG A 72 -17.88 -2.29 14.15
CA ARG A 72 -18.53 -2.52 12.86
C ARG A 72 -19.55 -1.42 12.63
N ASN A 73 -19.05 -0.25 12.24
CA ASN A 73 -19.90 0.92 12.01
C ASN A 73 -19.56 1.55 10.67
N ASN A 74 -20.59 2.06 10.00
CA ASN A 74 -20.44 2.71 8.71
C ASN A 74 -21.14 4.06 8.72
N PRO A 75 -20.61 5.04 7.99
CA PRO A 75 -21.31 6.32 7.89
C PRO A 75 -22.63 6.17 7.17
N PRO A 76 -23.63 6.97 7.51
CA PRO A 76 -24.89 6.94 6.75
C PRO A 76 -24.67 7.41 5.32
N GLU A 77 -25.54 6.93 4.43
CA GLU A 77 -25.37 7.21 3.01
C GLU A 77 -25.48 8.70 2.72
N ALA A 78 -26.38 9.40 3.42
CA ALA A 78 -26.55 10.84 3.19
C ALA A 78 -25.28 11.60 3.54
N ALA A 79 -24.62 11.22 4.63
CA ALA A 79 -23.47 11.99 5.09
C ALA A 79 -22.23 11.72 4.25
N VAL A 80 -22.23 10.68 3.43
CA VAL A 80 -21.07 10.36 2.61
C VAL A 80 -20.76 11.49 1.64
N ALA A 81 -21.79 12.20 1.19
CA ALA A 81 -21.59 13.27 0.21
C ALA A 81 -20.70 14.38 0.78
N GLN A 82 -20.88 14.74 2.04
CA GLN A 82 -20.12 15.84 2.62
C GLN A 82 -18.82 15.41 3.29
N LEU A 83 -18.65 14.12 3.56
CA LEU A 83 -17.37 13.69 4.15
C LEU A 83 -16.23 13.83 3.16
N GLU A 84 -16.51 13.75 1.87
CA GLU A 84 -15.47 13.81 0.86
C GLU A 84 -15.21 15.24 0.37
N ASN A 85 -15.92 16.23 0.91
CA ASN A 85 -15.69 17.63 0.58
C ASN A 85 -15.09 18.41 1.73
N ASP A 86 -14.63 17.75 2.78
CA ASP A 86 -14.03 18.44 3.91
C ASP A 86 -12.53 18.56 3.72
N ARG A 87 -12.02 19.79 3.83
CA ARG A 87 -10.60 20.04 3.63
C ARG A 87 -9.75 19.49 4.77
N TYR A 88 -10.33 19.31 5.95
CA TYR A 88 -9.56 18.88 7.11
C TYR A 88 -9.01 17.47 6.90
N TYR A 89 -9.80 16.60 6.27
CA TYR A 89 -9.35 15.23 6.02
C TYR A 89 -8.21 15.18 5.02
N ARG A 90 -8.01 16.23 4.23
CA ARG A 90 -6.84 16.30 3.36
C ARG A 90 -5.66 16.98 4.05
N ALA A 91 -5.95 17.97 4.89
CA ALA A 91 -4.88 18.57 5.69
C ALA A 91 -4.22 17.54 6.59
N ILE A 92 -4.99 16.56 7.08
CA ILE A 92 -4.41 15.49 7.89
C ILE A 92 -3.30 14.78 7.12
N VAL A 93 -3.59 14.39 5.87
CA VAL A 93 -2.60 13.66 5.09
C VAL A 93 -1.44 14.57 4.71
N TYR A 94 -1.73 15.84 4.39
CA TYR A 94 -0.66 16.75 4.01
C TYR A 94 0.29 17.01 5.17
N ALA A 95 -0.20 16.97 6.40
CA ALA A 95 0.63 17.28 7.56
C ALA A 95 1.70 16.23 7.82
N TYR A 96 1.60 15.05 7.23
CA TYR A 96 2.61 14.01 7.46
C TYR A 96 3.94 14.36 6.85
N LEU A 97 3.95 15.10 5.74
CA LEU A 97 5.19 15.29 4.98
C LEU A 97 6.25 16.07 5.73
N PRO A 98 6.00 17.25 6.30
CA PRO A 98 7.11 18.02 6.86
C PRO A 98 7.48 17.57 8.27
N THR A 99 7.47 16.27 8.50
CA THR A 99 8.12 15.69 9.67
C THR A 99 8.90 14.42 9.36
N GLN A 100 8.53 13.69 8.31
CA GLN A 100 9.30 12.52 7.90
C GLN A 100 10.70 12.91 7.45
N TYR A 101 10.81 14.01 6.70
CA TYR A 101 12.12 14.48 6.26
C TYR A 101 12.96 14.93 7.45
N ALA A 102 12.34 15.60 8.42
CA ALA A 102 13.06 15.99 9.62
C ALA A 102 13.57 14.76 10.37
N VAL A 103 12.73 13.74 10.49
CA VAL A 103 13.15 12.52 11.17
C VAL A 103 14.32 11.87 10.45
N THR A 104 14.23 11.79 9.12
CA THR A 104 15.32 11.19 8.35
C THR A 104 16.63 11.96 8.53
N VAL A 105 16.56 13.29 8.46
CA VAL A 105 17.77 14.10 8.58
C VAL A 105 18.39 13.94 9.97
N LEU A 106 17.55 14.04 11.01
CA LEU A 106 18.07 13.91 12.36
C LEU A 106 18.65 12.53 12.61
N GLY A 107 17.96 11.48 12.16
CA GLY A 107 18.48 10.14 12.35
C GLY A 107 19.80 9.94 11.65
N THR A 108 19.93 10.42 10.42
CA THR A 108 21.20 10.28 9.71
C THR A 108 22.31 11.04 10.41
N TRP A 109 22.04 12.27 10.84
CA TRP A 109 23.07 13.06 11.51
C TRP A 109 23.52 12.39 12.79
N VAL A 110 22.57 11.89 13.58
CA VAL A 110 22.93 11.21 14.83
C VAL A 110 23.73 9.95 14.54
N ALA A 111 23.30 9.17 13.54
CA ALA A 111 23.97 7.91 13.24
C ALA A 111 25.39 8.10 12.75
N VAL A 112 25.68 9.20 12.05
CA VAL A 112 27.03 9.43 11.56
C VAL A 112 27.88 10.30 12.48
N THR A 113 27.28 11.01 13.43
CA THR A 113 28.02 11.93 14.28
C THR A 113 28.20 11.42 15.70
N ALA A 114 27.12 11.09 16.39
CA ALA A 114 27.22 10.71 17.80
C ALA A 114 27.86 9.33 17.94
N ASP A 115 28.57 9.15 19.05
CA ASP A 115 29.14 7.84 19.36
C ASP A 115 28.04 6.88 19.77
N LEU A 116 28.05 5.68 19.17
CA LEU A 116 26.97 4.73 19.37
C LEU A 116 27.52 3.33 19.54
N ALA A 117 26.75 2.49 20.22
CA ALA A 117 27.00 1.06 20.25
C ALA A 117 26.24 0.39 19.10
N ILE A 118 26.54 -0.88 18.87
CA ILE A 118 25.96 -1.58 17.72
C ILE A 118 24.45 -1.72 17.88
N TRP A 119 23.99 -2.11 19.06
CA TRP A 119 22.57 -2.38 19.24
C TRP A 119 21.74 -1.11 19.12
N GLU A 120 22.23 0.01 19.65
CA GLU A 120 21.49 1.26 19.50
C GLU A 120 21.56 1.79 18.07
N TYR A 121 22.64 1.50 17.35
CA TYR A 121 22.66 1.79 15.92
C TYR A 121 21.57 1.02 15.19
N ILE A 122 21.41 -0.27 15.52
CA ILE A 122 20.35 -1.06 14.92
C ILE A 122 19.00 -0.49 15.27
N GLY A 123 18.83 -0.06 16.51
CA GLY A 123 17.57 0.56 16.91
C GLY A 123 17.26 1.81 16.13
N LEU A 124 18.27 2.65 15.90
CA LEU A 124 18.08 3.84 15.07
C LEU A 124 17.66 3.46 13.65
N VAL A 125 18.33 2.46 13.07
CA VAL A 125 17.98 2.01 11.73
C VAL A 125 16.52 1.59 11.69
N LEU A 126 16.11 0.77 12.66
CA LEU A 126 14.75 0.26 12.67
C LEU A 126 13.73 1.39 12.88
N SER A 127 14.05 2.36 13.73
CA SER A 127 13.11 3.45 13.98
C SER A 127 12.90 4.30 12.73
N VAL A 128 13.99 4.70 12.08
CA VAL A 128 13.85 5.51 10.86
C VAL A 128 13.16 4.70 9.76
N GLY A 129 13.49 3.41 9.66
CA GLY A 129 12.81 2.58 8.67
C GLY A 129 11.32 2.47 8.91
N ALA A 130 10.91 2.34 10.18
CA ALA A 130 9.48 2.28 10.48
C ALA A 130 8.80 3.59 10.12
N VAL A 131 9.42 4.73 10.46
CA VAL A 131 8.82 6.01 10.11
C VAL A 131 8.63 6.12 8.61
N ASN A 132 9.63 5.71 7.83
CA ASN A 132 9.48 5.75 6.38
C ASN A 132 8.50 4.70 5.86
N GLY A 133 8.28 3.61 6.58
CA GLY A 133 7.25 2.67 6.15
C GLY A 133 5.84 3.23 6.29
N ILE A 134 5.55 3.84 7.43
CA ILE A 134 4.27 4.56 7.51
C ILE A 134 4.24 5.71 6.50
N GLY A 135 5.41 6.26 6.15
CA GLY A 135 5.45 7.19 5.03
C GLY A 135 4.99 6.56 3.73
N ILE A 136 5.39 5.32 3.49
CA ILE A 136 4.91 4.59 2.31
C ILE A 136 3.40 4.45 2.36
N ASN A 137 2.87 4.20 3.54
CA ASN A 137 1.41 4.12 3.67
C ASN A 137 0.75 5.43 3.28
N THR A 138 1.30 6.55 3.75
CA THR A 138 0.76 7.86 3.37
C THR A 138 0.87 8.08 1.86
N ALA A 139 1.97 7.63 1.26
CA ALA A 139 2.13 7.77 -0.18
C ALA A 139 1.07 6.97 -0.92
N HIS A 140 0.76 5.76 -0.43
CA HIS A 140 -0.30 4.98 -1.04
C HIS A 140 -1.64 5.71 -0.96
N GLU A 141 -1.91 6.30 0.20
CA GLU A 141 -3.18 7.00 0.35
C GLU A 141 -3.25 8.21 -0.58
N LEU A 142 -2.12 8.90 -0.80
CA LEU A 142 -2.09 10.06 -1.67
C LEU A 142 -2.12 9.72 -3.16
N GLY A 143 -1.57 8.58 -3.56
CA GLY A 143 -1.42 8.31 -4.98
C GLY A 143 -2.68 7.92 -5.72
N HIS A 144 -3.78 7.66 -5.02
CA HIS A 144 -5.03 7.28 -5.66
C HIS A 144 -5.84 8.48 -6.14
N LYS A 145 -5.68 9.63 -5.48
CA LYS A 145 -6.45 10.82 -5.83
C LYS A 145 -6.03 11.36 -7.19
N ARG A 146 -7.02 11.84 -7.95
CA ARG A 146 -6.77 12.25 -9.32
C ARG A 146 -6.26 13.67 -9.46
N GLU A 147 -6.15 14.41 -8.37
CA GLU A 147 -5.59 15.76 -8.43
C GLU A 147 -4.11 15.70 -8.83
N ASN A 148 -3.71 16.62 -9.71
CA ASN A 148 -2.36 16.57 -10.26
C ASN A 148 -1.30 16.79 -9.18
N LEU A 149 -1.58 17.67 -8.22
CA LEU A 149 -0.60 17.97 -7.18
C LEU A 149 -0.35 16.76 -6.28
N ASP A 150 -1.39 15.97 -6.00
CA ASP A 150 -1.24 14.85 -5.08
C ASP A 150 -0.32 13.78 -5.64
N ARG A 151 -0.31 13.58 -6.96
CA ARG A 151 0.61 12.60 -7.54
C ARG A 151 2.06 13.00 -7.29
N TRP A 152 2.38 14.26 -7.49
CA TRP A 152 3.74 14.73 -7.23
C TRP A 152 4.07 14.65 -5.75
N LEU A 153 3.10 14.96 -4.88
CA LEU A 153 3.35 14.84 -3.45
C LEU A 153 3.62 13.38 -3.05
N ALA A 154 2.90 12.44 -3.66
CA ALA A 154 3.15 11.03 -3.38
C ALA A 154 4.54 10.61 -3.86
N LYS A 155 4.93 11.07 -5.06
CA LYS A 155 6.27 10.77 -5.54
C LYS A 155 7.32 11.32 -4.59
N LEU A 156 7.10 12.52 -4.07
CA LEU A 156 8.02 13.09 -3.09
C LEU A 156 8.05 12.25 -1.82
N THR A 157 6.89 11.78 -1.38
CA THR A 157 6.82 11.01 -0.14
C THR A 157 7.57 9.69 -0.25
N LEU A 158 7.51 9.06 -1.42
CA LEU A 158 8.21 7.79 -1.60
C LEU A 158 9.72 7.93 -1.67
N ALA A 159 10.25 9.15 -1.77
CA ALA A 159 11.68 9.33 -2.00
C ALA A 159 12.55 8.78 -0.87
N PRO A 160 12.31 9.09 0.42
CA PRO A 160 13.24 8.62 1.46
C PRO A 160 13.38 7.13 1.55
N VAL A 161 12.35 6.36 1.20
CA VAL A 161 12.44 4.91 1.28
C VAL A 161 13.05 4.30 0.02
N ALA A 162 13.27 5.11 -1.02
CA ALA A 162 13.94 4.67 -2.24
C ALA A 162 13.19 3.51 -2.89
N TYR A 163 11.88 3.64 -3.01
CA TYR A 163 11.07 2.57 -3.56
C TYR A 163 10.02 3.21 -4.47
N GLY A 164 10.48 4.12 -5.34
CA GLY A 164 9.60 5.06 -6.02
C GLY A 164 8.69 4.45 -7.06
N HIS A 165 9.01 3.26 -7.59
CA HIS A 165 8.17 2.64 -8.60
C HIS A 165 6.83 2.19 -8.05
N PHE A 166 6.64 2.27 -6.73
CA PHE A 166 5.38 1.89 -6.13
C PHE A 166 4.22 2.70 -6.72
N PHE A 167 4.45 3.99 -6.99
CA PHE A 167 3.38 4.84 -7.47
C PHE A 167 2.81 4.33 -8.79
N VAL A 168 3.63 3.71 -9.62
CA VAL A 168 3.14 3.12 -10.86
C VAL A 168 2.59 1.72 -10.61
N GLU A 169 3.35 0.90 -9.89
CA GLU A 169 3.00 -0.51 -9.77
C GLU A 169 1.69 -0.69 -9.03
N HIS A 170 1.56 -0.10 -7.84
CA HIS A 170 0.33 -0.31 -7.07
C HIS A 170 -0.89 0.20 -7.84
N ASN A 171 -0.75 1.34 -8.50
CA ASN A 171 -1.91 1.93 -9.14
C ASN A 171 -2.32 1.20 -10.42
N ARG A 172 -1.40 0.57 -11.13
CA ARG A 172 -1.76 0.03 -12.43
C ARG A 172 -1.41 -1.42 -12.68
N GLY A 173 -0.82 -2.13 -11.73
CA GLY A 173 -0.54 -3.54 -11.92
C GLY A 173 -1.00 -4.41 -10.77
N HIS A 174 -1.20 -3.81 -9.60
CA HIS A 174 -1.72 -4.56 -8.45
C HIS A 174 -3.23 -4.47 -8.37
N HIS A 175 -3.78 -3.25 -8.45
CA HIS A 175 -5.22 -3.08 -8.40
C HIS A 175 -5.92 -3.76 -9.57
N LYS A 176 -5.18 -4.11 -10.61
CA LYS A 176 -5.73 -4.79 -11.77
C LYS A 176 -5.65 -6.31 -11.67
N ASN A 177 -4.55 -6.84 -11.12
CA ASN A 177 -4.32 -8.27 -11.08
C ASN A 177 -4.54 -8.86 -9.69
N VAL A 178 -5.52 -8.33 -8.96
CA VAL A 178 -5.75 -8.76 -7.59
C VAL A 178 -6.07 -10.24 -7.55
N ALA A 179 -5.46 -10.95 -6.60
CA ALA A 179 -5.83 -12.32 -6.27
C ALA A 179 -5.82 -13.22 -7.49
N THR A 180 -4.78 -13.09 -8.31
CA THR A 180 -4.61 -13.93 -9.49
C THR A 180 -3.22 -14.56 -9.45
N PRO A 181 -3.05 -15.72 -10.07
CA PRO A 181 -1.75 -16.40 -10.04
C PRO A 181 -0.63 -15.65 -10.76
N GLU A 182 -0.90 -14.48 -11.32
CA GLU A 182 0.12 -13.71 -12.03
C GLU A 182 0.64 -12.52 -11.25
N ASP A 183 -0.15 -11.96 -10.35
CA ASP A 183 0.26 -10.77 -9.62
C ASP A 183 1.41 -11.09 -8.68
N PRO A 184 2.53 -10.36 -8.75
CA PRO A 184 3.59 -10.55 -7.76
C PRO A 184 3.33 -9.73 -6.51
N ALA A 185 2.09 -9.69 -6.05
CA ALA A 185 1.76 -9.04 -4.79
C ALA A 185 0.70 -9.78 -4.01
N SER A 186 0.22 -10.93 -4.48
CA SER A 186 -0.79 -11.72 -3.81
C SER A 186 -0.18 -13.02 -3.35
N SER A 187 -0.36 -13.35 -2.07
CA SER A 187 0.25 -14.53 -1.50
C SER A 187 -0.49 -15.79 -1.93
N LYS A 188 0.19 -16.92 -1.78
CA LYS A 188 -0.39 -18.23 -2.02
C LYS A 188 -0.35 -19.03 -0.73
N MET A 189 -1.44 -19.73 -0.43
CA MET A 189 -1.51 -20.46 0.84
C MET A 189 -0.46 -21.56 0.86
N GLY A 190 0.34 -21.59 1.91
CA GLY A 190 1.46 -22.50 2.01
C GLY A 190 2.80 -21.90 1.65
N GLU A 191 2.86 -20.59 1.42
CA GLU A 191 4.08 -19.90 1.02
C GLU A 191 4.61 -19.09 2.18
N SER A 192 5.82 -19.42 2.63
CA SER A 192 6.43 -18.68 3.72
C SER A 192 6.82 -17.28 3.26
N PHE A 193 6.90 -16.36 4.22
CA PHE A 193 7.17 -14.96 3.91
C PHE A 193 8.54 -14.80 3.25
N TRP A 194 9.55 -15.52 3.73
CA TRP A 194 10.87 -15.41 3.17
C TRP A 194 10.97 -16.04 1.78
N ALA A 195 10.04 -16.93 1.44
CA ALA A 195 9.92 -17.42 0.08
C ALA A 195 9.03 -16.55 -0.78
N PHE A 196 8.53 -15.45 -0.23
CA PHE A 196 7.66 -14.52 -0.94
C PHE A 196 8.29 -13.16 -1.18
N LEU A 197 9.22 -12.75 -0.30
CA LEU A 197 9.82 -11.42 -0.43
C LEU A 197 10.56 -11.21 -1.76
N PRO A 198 11.51 -12.06 -2.16
CA PRO A 198 12.19 -11.81 -3.43
C PRO A 198 11.25 -11.83 -4.62
N ARG A 199 10.25 -12.72 -4.59
CA ARG A 199 9.30 -12.80 -5.70
C ARG A 199 8.58 -11.48 -5.88
N THR A 200 8.01 -10.94 -4.80
CA THR A 200 7.25 -9.71 -4.93
C THR A 200 8.14 -8.53 -5.31
N VAL A 201 9.35 -8.46 -4.74
CA VAL A 201 10.22 -7.32 -5.06
C VAL A 201 10.59 -7.33 -6.55
N ILE A 202 11.08 -8.47 -7.03
CA ILE A 202 11.51 -8.55 -8.42
C ILE A 202 10.32 -8.37 -9.37
N GLY A 203 9.18 -8.98 -9.03
CA GLY A 203 8.00 -8.84 -9.87
C GLY A 203 7.53 -7.41 -9.96
N SER A 204 7.57 -6.68 -8.84
CA SER A 204 7.18 -5.28 -8.87
C SER A 204 8.10 -4.47 -9.77
N LEU A 205 9.42 -4.69 -9.67
CA LEU A 205 10.33 -3.99 -10.56
C LEU A 205 10.00 -4.27 -12.02
N ARG A 206 9.91 -5.56 -12.38
CA ARG A 206 9.68 -5.92 -13.77
C ARG A 206 8.36 -5.35 -14.28
N SER A 207 7.30 -5.47 -13.47
CA SER A 207 5.99 -5.00 -13.92
C SER A 207 5.96 -3.50 -14.10
N ALA A 208 6.57 -2.74 -13.18
CA ALA A 208 6.61 -1.29 -13.34
C ALA A 208 7.33 -0.90 -14.61
N TRP A 209 8.50 -1.50 -14.84
CA TRP A 209 9.26 -1.16 -16.03
C TRP A 209 8.48 -1.50 -17.29
N ALA A 210 7.85 -2.68 -17.33
CA ALA A 210 7.10 -3.09 -18.51
C ALA A 210 5.92 -2.16 -18.76
N ILE A 211 5.19 -1.78 -17.72
CA ILE A 211 4.02 -0.93 -17.89
C ILE A 211 4.43 0.42 -18.45
N GLU A 212 5.47 1.03 -17.88
CA GLU A 212 5.87 2.35 -18.36
C GLU A 212 6.42 2.27 -19.78
N LYS A 213 7.19 1.22 -20.09
CA LYS A 213 7.70 1.07 -21.45
C LYS A 213 6.56 0.92 -22.45
N ALA A 214 5.54 0.13 -22.10
CA ALA A 214 4.41 -0.05 -22.99
C ALA A 214 3.68 1.28 -23.24
N ARG A 215 3.46 2.06 -22.17
CA ARG A 215 2.78 3.33 -22.35
C ARG A 215 3.60 4.27 -23.23
N LEU A 216 4.90 4.37 -22.99
CA LEU A 216 5.73 5.27 -23.78
C LEU A 216 5.78 4.83 -25.24
N GLN A 217 5.90 3.53 -25.49
CA GLN A 217 5.90 3.04 -26.87
C GLN A 217 4.58 3.34 -27.55
N ARG A 218 3.47 3.20 -26.84
CA ARG A 218 2.18 3.62 -27.39
C ARG A 218 2.17 5.11 -27.71
N ASN A 219 2.88 5.91 -26.92
CA ASN A 219 2.94 7.35 -27.16
C ASN A 219 3.99 7.73 -28.21
N LYS A 220 4.60 6.75 -28.87
CA LYS A 220 5.62 7.00 -29.89
C LYS A 220 6.79 7.81 -29.31
N GLN A 221 7.42 7.25 -28.29
CA GLN A 221 8.50 7.93 -27.60
C GLN A 221 9.37 6.89 -26.92
N SER A 222 10.67 7.16 -26.87
CA SER A 222 11.63 6.22 -26.31
C SER A 222 11.41 6.05 -24.81
N VAL A 223 11.71 4.84 -24.32
CA VAL A 223 11.55 4.56 -22.90
C VAL A 223 12.52 5.38 -22.06
N TRP A 224 13.73 5.60 -22.57
CA TRP A 224 14.73 6.39 -21.86
C TRP A 224 14.48 7.88 -22.07
N SER A 225 13.33 8.32 -21.58
CA SER A 225 12.89 9.71 -21.73
C SER A 225 12.60 10.31 -20.36
N LEU A 226 12.56 11.63 -20.31
CA LEU A 226 12.24 12.33 -19.08
C LEU A 226 10.80 12.14 -18.65
N ASP A 227 9.94 11.62 -19.54
CA ASP A 227 8.55 11.37 -19.19
C ASP A 227 8.34 10.08 -18.43
N ASN A 228 9.36 9.21 -18.37
CA ASN A 228 9.25 7.96 -17.65
C ASN A 228 9.06 8.23 -16.16
N GLU A 229 7.91 7.83 -15.62
CA GLU A 229 7.60 8.14 -14.23
C GLU A 229 8.52 7.40 -13.26
N ASN A 230 9.04 6.24 -13.66
CA ASN A 230 10.00 5.55 -12.80
C ASN A 230 11.27 6.38 -12.62
N LEU A 231 11.77 6.95 -13.72
CA LEU A 231 12.94 7.82 -13.61
C LEU A 231 12.62 9.08 -12.82
N GLN A 232 11.43 9.65 -13.01
CA GLN A 232 11.03 10.82 -12.25
C GLN A 232 10.98 10.52 -10.76
N ALA A 233 10.55 9.31 -10.38
CA ALA A 233 10.49 8.95 -8.97
C ALA A 233 11.87 8.68 -8.40
N TRP A 234 12.73 7.99 -9.17
CA TRP A 234 14.06 7.65 -8.67
C TRP A 234 15.00 8.84 -8.65
N ALA A 235 14.74 9.87 -9.45
CA ALA A 235 15.59 11.05 -9.42
C ALA A 235 15.52 11.75 -8.07
N MET A 236 14.33 11.78 -7.46
CA MET A 236 14.20 12.41 -6.14
C MET A 236 15.04 11.67 -5.10
N THR A 237 15.00 10.34 -5.12
CA THR A 237 15.81 9.56 -4.20
C THR A 237 17.29 9.79 -4.45
N ILE A 238 17.70 9.81 -5.73
CA ILE A 238 19.10 10.06 -6.04
C ILE A 238 19.55 11.41 -5.50
N VAL A 239 18.72 12.43 -5.72
CA VAL A 239 19.07 13.78 -5.27
C VAL A 239 19.20 13.83 -3.75
N LEU A 240 18.22 13.26 -3.04
CA LEU A 240 18.23 13.32 -1.58
C LEU A 240 19.43 12.58 -1.02
N PHE A 241 19.67 11.36 -1.49
CA PHE A 241 20.81 10.58 -0.99
C PHE A 241 22.12 11.28 -1.31
N GLY A 242 22.25 11.84 -2.51
CA GLY A 242 23.48 12.54 -2.86
C GLY A 242 23.71 13.76 -2.02
N ALA A 243 22.66 14.53 -1.75
CA ALA A 243 22.82 15.71 -0.90
C ALA A 243 23.24 15.31 0.51
N LEU A 244 22.60 14.30 1.07
CA LEU A 244 22.97 13.86 2.42
C LEU A 244 24.40 13.34 2.45
N THR A 245 24.80 12.58 1.42
CA THR A 245 26.15 12.04 1.39
C THR A 245 27.19 13.14 1.24
N ALA A 246 26.89 14.15 0.42
CA ALA A 246 27.81 15.27 0.27
C ALA A 246 27.95 16.04 1.57
N CYS A 247 26.83 16.24 2.29
CA CYS A 247 26.90 16.98 3.54
C CYS A 247 27.62 16.17 4.63
N LEU A 248 27.47 14.86 4.64
CA LEU A 248 27.93 14.06 5.77
C LEU A 248 29.06 13.10 5.42
N GLY A 249 28.86 12.23 4.44
CA GLY A 249 29.85 11.24 4.06
C GLY A 249 29.24 9.89 3.80
N TRP A 250 30.09 8.93 3.46
CA TRP A 250 29.63 7.60 3.09
C TRP A 250 28.80 6.91 4.18
N PRO A 251 29.13 6.99 5.47
CA PRO A 251 28.27 6.35 6.47
C PRO A 251 26.82 6.81 6.39
N ALA A 252 26.58 8.06 6.00
CA ALA A 252 25.21 8.51 5.80
C ALA A 252 24.53 7.69 4.71
N LEU A 253 25.23 7.44 3.61
CA LEU A 253 24.67 6.63 2.54
C LEU A 253 24.37 5.22 3.01
N LEU A 254 25.29 4.63 3.77
CA LEU A 254 25.06 3.28 4.28
C LEU A 254 23.83 3.22 5.18
N PHE A 255 23.71 4.19 6.08
CA PHE A 255 22.57 4.23 6.98
C PHE A 255 21.26 4.40 6.21
N LEU A 256 21.27 5.28 5.21
CA LEU A 256 20.06 5.49 4.40
C LEU A 256 19.67 4.22 3.67
N VAL A 257 20.65 3.50 3.12
CA VAL A 257 20.35 2.27 2.41
C VAL A 257 19.71 1.24 3.34
N LEU A 258 20.29 1.08 4.54
CA LEU A 258 19.75 0.10 5.46
C LEU A 258 18.33 0.45 5.89
N GLN A 259 18.08 1.72 6.22
CA GLN A 259 16.73 2.09 6.65
C GLN A 259 15.72 1.95 5.51
N ALA A 260 16.13 2.27 4.28
CA ALA A 260 15.24 2.06 3.14
C ALA A 260 14.89 0.58 2.98
N ALA A 261 15.89 -0.29 3.15
CA ALA A 261 15.62 -1.73 3.05
C ALA A 261 14.60 -2.16 4.10
N TYR A 262 14.75 -1.68 5.34
CA TYR A 262 13.80 -2.06 6.37
C TYR A 262 12.39 -1.55 6.06
N GLY A 263 12.28 -0.33 5.56
CA GLY A 263 10.96 0.18 5.20
C GLY A 263 10.30 -0.61 4.09
N ALA A 264 11.09 -1.00 3.08
CA ALA A 264 10.55 -1.84 2.02
C ALA A 264 10.05 -3.17 2.58
N SER A 265 10.80 -3.76 3.50
CA SER A 265 10.35 -4.99 4.13
C SER A 265 9.03 -4.79 4.87
N LEU A 266 8.89 -3.66 5.56
CA LEU A 266 7.65 -3.38 6.28
C LEU A 266 6.47 -3.28 5.33
N LEU A 267 6.67 -2.66 4.16
CA LEU A 267 5.59 -2.63 3.18
C LEU A 267 5.25 -4.03 2.68
N GLU A 268 6.28 -4.85 2.43
CA GLU A 268 6.03 -6.13 1.79
C GLU A 268 5.36 -7.12 2.73
N VAL A 269 5.57 -6.99 4.04
CA VAL A 269 4.87 -7.90 4.95
C VAL A 269 3.37 -7.60 4.95
N ILE A 270 3.00 -6.32 4.87
CA ILE A 270 1.58 -5.98 4.77
C ILE A 270 1.00 -6.47 3.46
N ASN A 271 1.76 -6.35 2.38
CA ASN A 271 1.30 -6.91 1.11
C ASN A 271 1.10 -8.42 1.21
N TYR A 272 1.98 -9.11 1.94
CA TYR A 272 1.80 -10.53 2.21
C TYR A 272 0.50 -10.79 2.93
N ILE A 273 0.19 -9.97 3.95
CA ILE A 273 -0.97 -10.24 4.79
C ILE A 273 -2.28 -10.01 4.03
N GLU A 274 -2.36 -8.95 3.22
CA GLU A 274 -3.66 -8.49 2.74
C GLU A 274 -4.45 -9.59 2.02
N HIS A 275 -3.84 -10.24 1.03
CA HIS A 275 -4.60 -11.12 0.16
C HIS A 275 -4.10 -12.56 0.21
N TYR A 276 -3.84 -13.08 1.41
CA TYR A 276 -3.23 -14.39 1.57
C TYR A 276 -4.26 -15.48 1.24
N GLY A 277 -4.02 -16.20 0.14
CA GLY A 277 -4.76 -17.40 -0.16
C GLY A 277 -6.01 -17.22 -0.99
N LEU A 278 -6.44 -15.99 -1.23
CA LEU A 278 -7.68 -15.75 -1.96
C LEU A 278 -7.46 -15.82 -3.46
N LEU A 279 -8.56 -15.93 -4.21
CA LEU A 279 -8.49 -16.14 -5.64
C LEU A 279 -9.74 -15.58 -6.30
N ARG A 280 -9.58 -15.09 -7.52
CA ARG A 280 -10.68 -14.58 -8.33
C ARG A 280 -11.06 -15.62 -9.38
N GLN A 281 -12.35 -15.86 -9.54
CA GLN A 281 -12.84 -16.89 -10.44
C GLN A 281 -12.99 -16.34 -11.86
N LYS A 282 -12.64 -17.17 -12.84
CA LYS A 282 -12.72 -16.76 -14.22
C LYS A 282 -14.17 -16.71 -14.70
N LEU A 283 -14.46 -15.70 -15.53
CA LEU A 283 -15.76 -15.58 -16.15
C LEU A 283 -15.90 -16.63 -17.24
N PRO A 284 -17.11 -16.84 -17.78
CA PRO A 284 -17.24 -17.78 -18.89
C PRO A 284 -16.37 -17.43 -20.09
N ASP A 285 -16.20 -16.14 -20.39
CA ASP A 285 -15.25 -15.74 -21.41
C ASP A 285 -13.85 -15.65 -20.80
N GLY A 286 -12.88 -15.28 -21.62
CA GLY A 286 -11.49 -15.33 -21.19
C GLY A 286 -11.01 -14.15 -20.38
N ARG A 287 -11.66 -13.86 -19.27
CA ARG A 287 -11.21 -12.78 -18.40
C ARG A 287 -11.70 -13.04 -16.98
N TYR A 288 -10.95 -12.51 -16.02
CA TYR A 288 -11.29 -12.68 -14.61
C TYR A 288 -12.49 -11.82 -14.25
N GLU A 289 -13.21 -12.24 -13.21
CA GLU A 289 -14.33 -11.45 -12.72
C GLU A 289 -13.84 -10.20 -12.02
N ARG A 290 -14.70 -9.19 -11.95
CA ARG A 290 -14.32 -7.93 -11.35
C ARG A 290 -14.09 -8.10 -9.86
N CYS A 291 -13.12 -7.33 -9.35
CA CYS A 291 -12.74 -7.46 -7.94
C CYS A 291 -13.90 -7.04 -7.03
N GLN A 292 -14.13 -7.83 -6.00
CA GLN A 292 -15.25 -7.67 -5.09
C GLN A 292 -14.73 -7.72 -3.66
N PRO A 293 -15.54 -7.29 -2.69
CA PRO A 293 -15.04 -7.24 -1.30
C PRO A 293 -14.62 -8.59 -0.74
N ARG A 294 -15.06 -9.69 -1.33
CA ARG A 294 -14.70 -11.01 -0.82
C ARG A 294 -13.35 -11.50 -1.34
N HIS A 295 -12.51 -10.61 -1.86
CA HIS A 295 -11.21 -11.01 -2.39
C HIS A 295 -10.05 -10.36 -1.63
N SER A 296 -10.29 -9.93 -0.39
CA SER A 296 -9.23 -9.34 0.42
C SER A 296 -9.62 -9.43 1.88
N TRP A 297 -8.63 -9.69 2.73
CA TRP A 297 -8.87 -9.79 4.17
C TRP A 297 -9.19 -8.43 4.75
N ASN A 298 -9.95 -8.43 5.85
CA ASN A 298 -10.42 -7.21 6.46
C ASN A 298 -10.38 -7.34 7.98
N SER A 299 -10.25 -6.20 8.65
CA SER A 299 -10.33 -6.17 10.11
C SER A 299 -10.79 -4.79 10.55
N ASN A 300 -11.43 -4.74 11.72
CA ASN A 300 -12.06 -3.51 12.22
C ASN A 300 -11.57 -3.19 13.62
N HIS A 301 -10.27 -3.23 13.83
CA HIS A 301 -9.71 -2.87 15.13
C HIS A 301 -9.49 -1.36 15.18
N ILE A 302 -9.96 -0.73 16.25
CA ILE A 302 -10.07 0.73 16.29
C ILE A 302 -8.71 1.38 16.32
N VAL A 303 -7.83 0.91 17.22
CA VAL A 303 -6.58 1.63 17.49
C VAL A 303 -5.68 1.64 16.25
N THR A 304 -5.57 0.51 15.58
CA THR A 304 -4.72 0.45 14.39
C THR A 304 -5.35 1.21 13.23
N ASN A 305 -6.68 1.13 13.10
CA ASN A 305 -7.37 1.93 12.09
C ASN A 305 -7.26 3.42 12.38
N LEU A 306 -6.87 3.80 13.59
CA LEU A 306 -6.62 5.21 13.89
C LEU A 306 -5.18 5.60 13.63
N PHE A 307 -4.23 4.74 14.02
CA PHE A 307 -2.83 5.05 13.78
C PHE A 307 -2.48 5.01 12.30
N LEU A 308 -3.16 4.18 11.53
CA LEU A 308 -3.03 4.17 10.08
C LEU A 308 -4.30 4.72 9.47
N TYR A 309 -4.20 5.27 8.27
CA TYR A 309 -5.35 5.94 7.68
C TYR A 309 -6.40 4.94 7.21
N GLN A 310 -7.12 4.31 8.13
CA GLN A 310 -8.19 3.37 7.81
C GLN A 310 -7.68 2.26 6.89
N LEU A 311 -6.45 1.81 7.12
CA LEU A 311 -5.81 0.91 6.17
C LEU A 311 -6.40 -0.49 6.23
N GLN A 312 -6.76 -0.97 7.42
CA GLN A 312 -7.20 -2.35 7.57
C GLN A 312 -8.52 -2.65 6.91
N ARG A 313 -9.29 -1.66 6.48
CA ARG A 313 -10.49 -1.93 5.70
C ARG A 313 -10.14 -2.02 4.22
N HIS A 314 -9.31 -3.01 3.92
CA HIS A 314 -8.78 -3.20 2.57
C HIS A 314 -9.72 -4.04 1.72
N SER A 315 -11.01 -3.71 1.79
CA SER A 315 -12.01 -4.27 0.88
C SER A 315 -12.73 -3.19 0.09
N ASP A 316 -13.31 -2.21 0.79
CA ASP A 316 -13.99 -1.13 0.09
C ASP A 316 -13.00 -0.31 -0.72
N HIS A 317 -11.83 -0.03 -0.15
CA HIS A 317 -10.80 0.66 -0.92
C HIS A 317 -10.36 -0.18 -2.10
N HIS A 318 -10.19 -1.48 -1.89
CA HIS A 318 -9.52 -2.29 -2.89
C HIS A 318 -10.50 -2.76 -3.96
N ALA A 319 -11.79 -2.45 -3.80
CA ALA A 319 -12.78 -2.62 -4.85
C ALA A 319 -13.33 -1.30 -5.38
N ASN A 320 -13.16 -0.20 -4.65
CA ASN A 320 -13.51 1.15 -5.12
C ASN A 320 -12.33 2.06 -4.85
N PRO A 321 -11.29 1.99 -5.68
CA PRO A 321 -10.05 2.71 -5.36
C PRO A 321 -10.13 4.20 -5.65
N THR A 322 -11.25 4.83 -5.28
CA THR A 322 -11.35 6.28 -5.29
C THR A 322 -12.04 6.84 -4.06
N ARG A 323 -12.74 6.02 -3.27
CA ARG A 323 -13.33 6.49 -2.03
C ARG A 323 -12.23 6.93 -1.08
N ARG A 324 -12.40 8.09 -0.48
CA ARG A 324 -11.39 8.60 0.44
C ARG A 324 -11.43 7.82 1.74
N PHE A 325 -10.29 7.84 2.45
CA PHE A 325 -10.10 6.94 3.58
C PHE A 325 -11.15 7.13 4.67
N GLN A 326 -11.73 8.32 4.76
CA GLN A 326 -12.71 8.59 5.81
C GLN A 326 -14.10 8.09 5.45
N ALA A 327 -14.31 7.56 4.25
CA ALA A 327 -15.63 7.11 3.83
C ALA A 327 -15.66 5.60 3.54
N LEU A 328 -14.67 4.85 4.02
CA LEU A 328 -14.66 3.42 3.81
C LEU A 328 -15.69 2.73 4.70
N ARG A 329 -16.19 1.60 4.25
CA ARG A 329 -17.27 0.89 4.92
C ARG A 329 -16.80 -0.51 5.36
N HIS A 330 -17.72 -1.23 5.99
CA HIS A 330 -17.51 -2.60 6.43
C HIS A 330 -18.49 -3.51 5.69
N PHE A 331 -17.98 -4.60 5.12
CA PHE A 331 -18.79 -5.51 4.32
C PHE A 331 -18.86 -6.87 5.00
N ASP A 332 -20.07 -7.38 5.16
CA ASP A 332 -20.27 -8.64 5.88
C ASP A 332 -19.73 -9.84 5.12
N ASP A 333 -19.60 -9.74 3.79
CA ASP A 333 -19.18 -10.88 2.99
C ASP A 333 -17.67 -11.10 3.01
N SER A 334 -16.91 -10.11 3.44
CA SER A 334 -15.46 -10.24 3.43
C SER A 334 -14.98 -11.14 4.57
N PRO A 335 -13.88 -11.86 4.36
CA PRO A 335 -13.25 -12.58 5.47
C PRO A 335 -12.60 -11.62 6.45
N GLN A 336 -12.47 -12.08 7.69
CA GLN A 336 -11.98 -11.26 8.78
C GLN A 336 -10.72 -11.86 9.38
N LEU A 337 -9.76 -10.99 9.70
CA LEU A 337 -8.53 -11.41 10.35
C LEU A 337 -8.77 -11.66 11.84
N PRO A 338 -7.94 -12.51 12.47
CA PRO A 338 -8.06 -12.70 13.92
C PRO A 338 -7.81 -11.42 14.72
N SER A 339 -6.97 -10.53 14.23
CA SER A 339 -6.63 -9.31 14.97
C SER A 339 -6.16 -8.25 13.98
N GLY A 340 -5.59 -7.17 14.50
CA GLY A 340 -5.12 -6.10 13.65
C GLY A 340 -3.83 -6.45 12.95
N TYR A 341 -3.41 -5.54 12.06
CA TYR A 341 -2.17 -5.76 11.32
C TYR A 341 -0.97 -5.81 12.25
N ALA A 342 -0.81 -4.79 13.09
CA ALA A 342 0.33 -4.75 13.99
C ALA A 342 0.30 -5.90 14.97
N SER A 343 -0.89 -6.40 15.29
CA SER A 343 -0.98 -7.56 16.17
C SER A 343 -0.32 -8.78 15.56
N MET A 344 -0.46 -8.94 14.24
CA MET A 344 0.14 -10.08 13.55
C MET A 344 1.22 -9.57 12.59
N LEU A 345 2.39 -9.32 13.14
CA LEU A 345 3.63 -9.14 12.40
C LEU A 345 4.70 -10.10 12.85
N ILE A 346 4.82 -10.31 14.15
CA ILE A 346 5.62 -11.45 14.64
C ILE A 346 5.05 -12.78 14.16
N PRO A 347 3.73 -13.04 14.25
CA PRO A 347 3.24 -14.31 13.69
C PRO A 347 3.10 -14.24 12.18
N ALA A 348 4.08 -13.61 11.54
CA ALA A 348 4.24 -13.67 10.09
C ALA A 348 5.68 -13.90 9.67
N TYR A 349 6.66 -13.52 10.50
CA TYR A 349 8.04 -13.90 10.26
C TYR A 349 8.28 -15.37 10.62
N VAL A 350 7.47 -15.91 11.54
CA VAL A 350 7.56 -17.32 11.92
C VAL A 350 6.61 -18.09 11.02
N PRO A 351 7.11 -18.94 10.13
CA PRO A 351 6.23 -19.59 9.15
C PRO A 351 5.19 -20.53 9.75
N TRP A 352 5.62 -21.45 10.63
CA TRP A 352 4.67 -22.45 11.12
C TRP A 352 3.56 -21.82 11.94
N LEU A 353 3.89 -20.79 12.74
CA LEU A 353 2.86 -20.10 13.52
C LEU A 353 1.85 -19.43 12.60
N TRP A 354 2.32 -18.76 11.55
CA TRP A 354 1.41 -18.11 10.61
C TRP A 354 0.54 -19.14 9.90
N PHE A 355 1.12 -20.27 9.52
CA PHE A 355 0.34 -21.32 8.88
C PHE A 355 -0.76 -21.82 9.81
N ARG A 356 -0.40 -22.11 11.06
CA ARG A 356 -1.38 -22.60 12.03
C ARG A 356 -2.50 -21.59 12.24
N LEU A 357 -2.16 -20.31 12.27
CA LEU A 357 -3.20 -19.30 12.45
C LEU A 357 -4.11 -19.18 11.22
N MET A 358 -3.54 -19.20 10.03
CA MET A 358 -4.30 -18.80 8.85
C MET A 358 -5.01 -19.95 8.14
N ASP A 359 -4.32 -21.08 7.93
CA ASP A 359 -4.89 -22.14 7.08
C ASP A 359 -6.28 -22.58 7.51
N PRO A 360 -6.57 -22.80 8.79
CA PRO A 360 -7.97 -23.11 9.17
C PRO A 360 -8.95 -22.03 8.76
N LEU A 361 -8.56 -20.75 8.86
CA LEU A 361 -9.47 -19.67 8.49
C LEU A 361 -9.77 -19.67 7.00
N VAL A 362 -8.75 -19.88 6.17
CA VAL A 362 -8.97 -19.95 4.72
C VAL A 362 -9.88 -21.13 4.39
N ALA A 363 -9.60 -22.29 4.97
CA ALA A 363 -10.42 -23.46 4.70
C ALA A 363 -11.86 -23.24 5.13
N ARG A 364 -12.06 -22.60 6.29
CA ARG A 364 -13.42 -22.30 6.74
C ARG A 364 -14.11 -21.31 5.81
N HIS A 365 -13.37 -20.30 5.34
CA HIS A 365 -13.98 -19.30 4.46
C HIS A 365 -14.42 -19.92 3.14
N TYR A 366 -13.62 -20.84 2.60
CA TYR A 366 -14.00 -21.51 1.37
C TYR A 366 -14.85 -22.74 1.61
N GLY A 367 -15.36 -22.92 2.82
CA GLY A 367 -16.29 -24.01 3.11
C GLY A 367 -15.72 -25.39 2.90
N GLY A 368 -14.44 -25.58 3.18
CA GLY A 368 -13.81 -26.89 3.05
C GLY A 368 -13.52 -27.33 1.64
N ASP A 369 -13.73 -26.47 0.65
CA ASP A 369 -13.51 -26.79 -0.75
C ASP A 369 -12.31 -25.97 -1.23
N LEU A 370 -11.11 -26.53 -1.05
CA LEU A 370 -9.90 -25.82 -1.48
C LEU A 370 -9.50 -26.18 -2.91
N THR A 371 -10.48 -26.09 -3.81
CA THR A 371 -10.20 -26.01 -5.24
C THR A 371 -10.40 -24.61 -5.76
N LYS A 372 -10.84 -23.69 -4.90
CA LYS A 372 -11.06 -22.30 -5.25
C LYS A 372 -10.13 -21.39 -4.46
N ALA A 373 -8.92 -21.86 -4.18
CA ALA A 373 -7.95 -21.10 -3.41
C ALA A 373 -6.63 -21.03 -4.15
N ASN A 374 -5.86 -20.00 -3.85
CA ASN A 374 -4.56 -19.77 -4.50
C ASN A 374 -3.53 -20.63 -3.79
N LEU A 375 -3.33 -21.84 -4.28
CA LEU A 375 -2.47 -22.81 -3.63
C LEU A 375 -1.05 -22.75 -4.15
N TYR A 376 -0.09 -22.90 -3.25
CA TYR A 376 1.32 -22.96 -3.62
C TYR A 376 1.58 -24.22 -4.42
N PRO A 377 2.12 -24.12 -5.63
CA PRO A 377 2.31 -25.31 -6.47
C PRO A 377 3.14 -26.40 -5.80
N PRO A 378 4.28 -26.08 -5.17
CA PRO A 378 5.07 -27.16 -4.56
C PRO A 378 4.37 -27.86 -3.40
N LYS A 379 3.36 -27.24 -2.79
CA LYS A 379 2.73 -27.79 -1.60
C LYS A 379 1.25 -28.08 -1.81
N ARG A 380 0.84 -28.26 -3.06
CA ARG A 380 -0.59 -28.45 -3.36
C ARG A 380 -1.11 -29.76 -2.78
N ALA A 381 -0.37 -30.85 -2.97
CA ALA A 381 -0.87 -32.17 -2.60
C ALA A 381 -1.10 -32.28 -1.09
N ALA A 382 -0.17 -31.77 -0.30
CA ALA A 382 -0.32 -31.87 1.15
C ALA A 382 -1.54 -31.11 1.65
N LEU A 383 -1.73 -29.89 1.15
CA LEU A 383 -2.89 -29.11 1.56
C LEU A 383 -4.19 -29.77 1.12
N LEU A 384 -4.23 -30.30 -0.10
CA LEU A 384 -5.43 -31.00 -0.54
C LEU A 384 -5.69 -32.25 0.30
N ALA A 385 -4.65 -32.94 0.73
CA ALA A 385 -4.85 -34.12 1.55
C ALA A 385 -5.32 -33.76 2.95
N ARG A 386 -4.87 -32.62 3.49
CA ARG A 386 -5.17 -32.31 4.88
C ARG A 386 -6.47 -31.53 5.06
N TRP A 387 -6.79 -30.62 4.14
CA TRP A 387 -7.87 -29.67 4.37
C TRP A 387 -9.07 -29.83 3.45
N HIS A 388 -8.95 -30.57 2.36
CA HIS A 388 -10.01 -30.63 1.36
C HIS A 388 -11.03 -31.68 1.77
N ARG A 389 -12.10 -31.23 2.43
CA ARG A 389 -13.22 -32.08 2.82
C ARG A 389 -14.50 -31.43 2.32
N PRO A 390 -14.85 -31.65 1.04
CA PRO A 390 -16.04 -31.07 0.43
C PRO A 390 -17.33 -31.47 1.13
N ARG A 418 -19.28 9.91 -26.18
CA ARG A 418 -18.92 10.07 -24.77
C ARG A 418 -19.23 8.81 -23.97
N TYR A 419 -18.25 8.34 -23.21
CA TYR A 419 -18.36 7.11 -22.45
C TYR A 419 -17.96 7.39 -21.01
N GLN A 420 -18.44 6.54 -20.10
CA GLN A 420 -18.18 6.73 -18.68
C GLN A 420 -17.83 5.41 -18.02
N CYS A 421 -16.96 5.48 -17.02
CA CYS A 421 -16.66 4.33 -16.20
C CYS A 421 -17.75 4.13 -15.16
N THR A 422 -18.09 2.87 -14.91
CA THR A 422 -19.15 2.55 -13.97
C THR A 422 -18.70 2.51 -12.52
N ASP A 423 -17.41 2.76 -12.26
CA ASP A 423 -16.88 2.73 -10.90
C ASP A 423 -16.44 4.11 -10.43
N CYS A 424 -15.55 4.77 -11.18
CA CYS A 424 -14.98 6.03 -10.75
C CYS A 424 -15.64 7.25 -11.40
N GLY A 425 -16.51 7.05 -12.38
CA GLY A 425 -17.18 8.16 -13.01
C GLY A 425 -16.36 8.92 -14.04
N TYR A 426 -15.15 8.46 -14.34
CA TYR A 426 -14.33 9.12 -15.34
C TYR A 426 -15.01 9.08 -16.71
N ILE A 427 -14.96 10.21 -17.41
CA ILE A 427 -15.65 10.36 -18.69
C ILE A 427 -14.62 10.51 -19.79
N TYR A 428 -14.71 9.66 -20.79
CA TYR A 428 -13.91 9.76 -22.00
C TYR A 428 -14.72 10.45 -23.08
N ASP A 429 -14.16 11.51 -23.65
CA ASP A 429 -14.79 12.28 -24.72
C ASP A 429 -13.92 12.18 -25.97
N GLU A 430 -14.56 11.87 -27.10
CA GLU A 430 -13.80 11.71 -28.34
C GLU A 430 -13.12 13.01 -28.76
N ALA A 431 -13.79 14.15 -28.57
CA ALA A 431 -13.18 15.43 -28.92
C ALA A 431 -11.97 15.72 -28.04
N ILE A 432 -12.07 15.44 -26.75
CA ILE A 432 -10.95 15.69 -25.84
C ILE A 432 -9.88 14.61 -25.99
N GLY A 433 -10.28 13.35 -25.93
CA GLY A 433 -9.34 12.27 -26.01
C GLY A 433 -8.54 12.10 -24.73
N CYS A 434 -7.51 11.26 -24.82
CA CYS A 434 -6.61 10.98 -23.71
C CYS A 434 -5.18 11.17 -24.19
N PRO A 435 -4.65 12.39 -24.12
CA PRO A 435 -3.29 12.64 -24.61
C PRO A 435 -2.23 11.86 -23.87
N ARG A 436 -2.41 11.60 -22.57
CA ARG A 436 -1.39 10.91 -21.80
C ARG A 436 -1.19 9.49 -22.29
N GLU A 437 -2.28 8.81 -22.65
CA GLU A 437 -2.19 7.41 -23.05
C GLU A 437 -1.83 7.24 -24.52
N GLY A 438 -1.60 8.33 -25.24
CA GLY A 438 -1.21 8.26 -26.64
C GLY A 438 -2.33 8.44 -27.63
N PHE A 439 -3.53 8.83 -27.18
CA PHE A 439 -4.65 9.03 -28.08
C PHE A 439 -4.84 10.52 -28.31
N PRO A 440 -4.54 11.04 -29.50
CA PRO A 440 -4.69 12.47 -29.75
C PRO A 440 -6.16 12.86 -29.80
N PRO A 441 -6.48 14.12 -29.59
CA PRO A 441 -7.88 14.56 -29.70
C PRO A 441 -8.45 14.26 -31.07
N GLY A 442 -9.69 13.82 -31.09
CA GLY A 442 -10.32 13.40 -32.33
C GLY A 442 -10.04 11.95 -32.65
N THR A 443 -10.19 11.08 -31.66
CA THR A 443 -9.96 9.65 -31.82
C THR A 443 -11.26 8.91 -31.57
N PRO A 444 -11.85 8.30 -32.60
CA PRO A 444 -13.11 7.58 -32.40
C PRO A 444 -12.94 6.42 -31.43
N TRP A 445 -14.04 6.10 -30.75
CA TRP A 445 -14.02 5.06 -29.72
C TRP A 445 -13.61 3.69 -30.25
N SER A 446 -13.74 3.47 -31.56
CA SER A 446 -13.42 2.16 -32.12
C SER A 446 -11.92 1.88 -32.10
N GLN A 447 -11.09 2.92 -32.19
CA GLN A 447 -9.64 2.73 -32.25
C GLN A 447 -9.02 2.37 -30.91
N ILE A 448 -9.78 2.48 -29.83
CA ILE A 448 -9.23 2.12 -28.50
C ILE A 448 -9.02 0.62 -28.43
N PRO A 449 -7.89 0.15 -27.94
CA PRO A 449 -7.70 -1.30 -27.78
C PRO A 449 -8.65 -1.87 -26.74
N ASP A 450 -8.98 -3.15 -26.92
CA ASP A 450 -9.98 -3.78 -26.07
C ASP A 450 -9.49 -3.95 -24.63
N ASP A 451 -8.19 -4.10 -24.43
CA ASP A 451 -7.64 -4.29 -23.09
C ASP A 451 -7.37 -2.98 -22.36
N TRP A 452 -7.67 -1.85 -22.98
CA TRP A 452 -7.49 -0.56 -22.33
C TRP A 452 -8.36 -0.46 -21.08
N SER A 453 -7.80 0.11 -20.02
CA SER A 453 -8.47 0.22 -18.74
C SER A 453 -8.62 1.68 -18.34
N CYS A 454 -9.55 1.92 -17.42
CA CYS A 454 -9.85 3.28 -16.99
C CYS A 454 -8.64 3.90 -16.30
N PRO A 455 -8.17 5.07 -16.76
CA PRO A 455 -6.95 5.63 -16.17
C PRO A 455 -7.20 6.48 -14.93
N ASP A 456 -8.10 6.04 -14.06
CA ASP A 456 -8.25 6.63 -12.73
C ASP A 456 -8.38 5.53 -11.69
N CYS A 457 -8.83 4.36 -12.10
CA CYS A 457 -9.01 3.23 -11.20
C CYS A 457 -8.45 1.92 -11.71
N ALA A 458 -8.34 1.72 -13.02
CA ALA A 458 -7.77 0.50 -13.59
C ALA A 458 -8.45 -0.76 -13.06
N VAL A 459 -9.77 -0.71 -12.90
CA VAL A 459 -10.52 -1.85 -12.38
C VAL A 459 -11.64 -2.17 -13.34
N ARG A 460 -11.81 -1.35 -14.37
CA ARG A 460 -12.78 -1.58 -15.42
C ARG A 460 -12.08 -1.48 -16.78
N ASP A 461 -12.44 -2.38 -17.68
CA ASP A 461 -11.82 -2.42 -19.01
C ASP A 461 -12.64 -1.58 -19.98
N LYS A 462 -12.29 -1.63 -21.26
CA LYS A 462 -13.03 -0.87 -22.27
C LYS A 462 -14.46 -1.35 -22.39
N VAL A 463 -14.67 -2.68 -22.38
CA VAL A 463 -15.99 -3.23 -22.61
C VAL A 463 -16.95 -3.00 -21.45
N ASP A 464 -16.46 -2.53 -20.31
CA ASP A 464 -17.30 -2.29 -19.15
C ASP A 464 -17.80 -0.86 -19.05
N PHE A 465 -17.45 -0.01 -20.01
CA PHE A 465 -17.90 1.38 -19.96
C PHE A 465 -19.34 1.51 -20.44
N ARG A 466 -19.95 2.63 -20.11
CA ARG A 466 -21.33 2.92 -20.46
C ARG A 466 -21.38 4.12 -21.38
N LYS A 467 -22.09 3.99 -22.50
CA LYS A 467 -22.19 5.06 -23.49
C LYS A 467 -23.21 6.09 -23.02
N LEU A 468 -22.74 7.29 -22.68
CA LEU A 468 -23.65 8.33 -22.24
C LEU A 468 -24.41 8.90 -23.44
N PRO A 469 -25.67 9.27 -23.24
CA PRO A 469 -26.45 9.85 -24.33
C PRO A 469 -26.08 11.31 -24.57
N ALA A 470 -26.42 11.78 -25.76
CA ALA A 470 -26.13 13.15 -26.16
C ALA A 470 -26.96 14.15 -25.35
#